data_4YJP
#
_entry.id   4YJP
#
_cell.length_a   38.912
_cell.length_b   84.912
_cell.length_c   39.845
_cell.angle_alpha   90.000
_cell.angle_beta   100.140
_cell.angle_gamma   90.000
#
_symmetry.space_group_name_H-M   'P 1 21 1'
#
loop_
_entity.id
_entity.type
_entity.pdbx_description
1 polymer 'Tyrosine-protein kinase SYK'
2 non-polymer 2-[{2-[(1,1-dioxido-2,3-dihydro-1,2-benzothiazol-6-yl)amino]pyrimidin-4-yl}(1H-indazol-4-yl)amino]ethanol
3 non-polymer 'DIMETHYL SULFOXIDE'
4 water water
#
_entity_poly.entity_id   1
_entity_poly.type   'polypeptide(L)'
_entity_poly.pdbx_seq_one_letter_code
;PEEIRPKEVYLDRKLLTLEDKELGSGNFGTVKKGYYQMKKVVKTVAVKILKNEANDPALKDELLAEANVMQQLDNPYIVR
MIGICEAESWMLVMEMAELGPLNKYLQQNRHVKDKNIIELVHQVSMGMKYLEESNFVHRDLAARNVLLVTQHYAKISDFG
LSKALRADENYYKAQTHGKWPVKWYAPECINYYKFSSKSDVWSFGVLMWEAFSYGQKPYRGMKGSEVTAMLEKGERMGCP
AGCPREMYDLMNLCWTYDVENRPGFAAVELRLRNYYYDVVN
;
_entity_poly.pdbx_strand_id   A
#
loop_
_chem_comp.id
_chem_comp.type
_chem_comp.name
_chem_comp.formula
4DL non-polymer 2-[{2-[(1,1-dioxido-2,3-dihydro-1,2-benzothiazol-6-yl)amino]pyrimidin-4-yl}(1H-indazol-4-yl)amino]ethanol 'C20 H19 N7 O3 S'
DMS non-polymer 'DIMETHYL SULFOXIDE' 'C2 H6 O S'
#
# COMPACT_ATOMS: atom_id res chain seq x y z
N TYR A 10 21.39 7.39 8.59
CA TYR A 10 21.73 8.56 7.73
C TYR A 10 22.76 8.21 6.68
N LEU A 11 22.53 8.68 5.45
CA LEU A 11 23.36 8.31 4.30
C LEU A 11 24.37 9.38 3.92
N ASP A 12 25.40 8.94 3.20
CA ASP A 12 26.46 9.81 2.72
C ASP A 12 26.11 10.33 1.32
N ARG A 13 25.87 11.65 1.20
CA ARG A 13 25.47 12.27 -0.07
C ARG A 13 26.42 11.96 -1.23
N LYS A 14 27.69 11.77 -0.88
CA LYS A 14 28.76 11.48 -1.83
C LYS A 14 28.54 10.11 -2.47
N LEU A 15 27.97 9.18 -1.70
CA LEU A 15 27.67 7.84 -2.19
C LEU A 15 26.33 7.71 -2.93
N LEU A 16 25.64 8.84 -3.16
CA LEU A 16 24.35 8.87 -3.87
C LEU A 16 24.46 9.63 -5.19
N THR A 17 24.01 9.01 -6.28
CA THR A 17 24.00 9.63 -7.59
C THR A 17 22.57 9.62 -8.09
N LEU A 18 22.07 10.79 -8.50
CA LEU A 18 20.69 10.90 -8.97
C LEU A 18 20.64 11.13 -10.45
N GLU A 19 19.59 10.58 -11.09
CA GLU A 19 19.33 10.90 -12.48
C GLU A 19 18.85 12.32 -12.51
N ASP A 20 18.83 12.89 -13.70
CA ASP A 20 18.32 14.24 -13.89
C ASP A 20 16.81 14.17 -14.15
N LYS A 21 16.38 13.07 -14.76
CA LYS A 21 14.98 12.79 -15.04
C LYS A 21 14.18 12.78 -13.73
N GLU A 22 12.88 13.04 -13.82
CA GLU A 22 12.01 12.98 -12.65
C GLU A 22 10.95 11.90 -12.89
N LEU A 23 10.79 10.97 -11.94
CA LEU A 23 9.83 9.87 -12.09
C LEU A 23 8.41 10.28 -11.78
N GLY A 24 8.26 11.17 -10.82
CA GLY A 24 6.94 11.62 -10.42
C GLY A 24 7.02 12.73 -9.40
N SER A 25 5.88 13.36 -9.17
CA SER A 25 5.78 14.49 -8.26
C SER A 25 4.43 14.47 -7.56
N GLY A 26 4.45 14.85 -6.29
CA GLY A 26 3.24 14.95 -5.48
C GLY A 26 3.33 16.19 -4.62
N ASN A 27 2.41 16.30 -3.66
CA ASN A 27 2.38 17.40 -2.71
C ASN A 27 3.72 17.59 -1.98
N PHE A 28 4.35 16.46 -1.64
CA PHE A 28 5.64 16.44 -0.95
C PHE A 28 6.79 17.03 -1.78
N GLY A 29 6.69 16.90 -3.11
CA GLY A 29 7.72 17.40 -4.00
C GLY A 29 7.94 16.51 -5.21
N THR A 30 9.16 16.01 -5.39
CA THR A 30 9.48 15.14 -6.52
C THR A 30 10.19 13.84 -6.14
N VAL A 31 10.25 12.96 -7.13
CA VAL A 31 10.82 11.65 -6.99
C VAL A 31 11.85 11.49 -8.09
N LYS A 32 13.04 11.05 -7.69
CA LYS A 32 14.09 10.76 -8.64
C LYS A 32 14.66 9.38 -8.43
N LYS A 33 15.13 8.80 -9.53
CA LYS A 33 15.81 7.52 -9.58
C LYS A 33 17.29 7.79 -9.40
N GLY A 34 17.97 6.92 -8.67
CA GLY A 34 19.35 7.10 -8.38
C GLY A 34 20.07 5.80 -8.10
N TYR A 35 21.28 5.95 -7.58
CA TYR A 35 22.13 4.84 -7.24
C TYR A 35 22.85 5.15 -5.97
N TYR A 36 22.93 4.16 -5.10
CA TYR A 36 23.67 4.30 -3.86
C TYR A 36 24.70 3.18 -3.74
N GLN A 37 25.96 3.57 -3.53
CA GLN A 37 27.01 2.58 -3.33
C GLN A 37 26.99 1.95 -1.94
N MET A 38 26.50 0.72 -1.89
CA MET A 38 26.61 -0.12 -0.69
C MET A 38 28.07 -0.56 -0.72
N LYS A 39 28.60 -0.99 0.43
CA LYS A 39 30.02 -1.37 0.53
C LYS A 39 30.70 -1.64 -0.84
N LYS A 40 30.30 -2.71 -1.53
CA LYS A 40 30.83 -3.00 -2.87
C LYS A 40 29.84 -2.72 -4.01
N VAL A 41 28.68 -3.37 -3.95
CA VAL A 41 27.66 -3.27 -5.00
C VAL A 41 26.95 -1.90 -5.04
N VAL A 42 26.58 -1.48 -6.25
CA VAL A 42 25.79 -0.27 -6.47
C VAL A 42 24.32 -0.64 -6.62
N LYS A 43 23.48 -0.07 -5.77
CA LYS A 43 22.08 -0.41 -5.72
C LYS A 43 21.20 0.72 -6.29
N THR A 44 20.28 0.35 -7.17
CA THR A 44 19.36 1.29 -7.77
C THR A 44 18.32 1.77 -6.77
N VAL A 45 18.06 3.07 -6.71
CA VAL A 45 17.16 3.57 -5.66
C VAL A 45 16.13 4.55 -6.18
N ALA A 46 15.02 4.64 -5.45
CA ALA A 46 14.02 5.68 -5.70
C ALA A 46 14.16 6.64 -4.53
N VAL A 47 14.05 7.92 -4.83
CA VAL A 47 14.29 8.94 -3.82
C VAL A 47 13.19 10.02 -3.79
N LYS A 48 12.60 10.21 -2.60
CA LYS A 48 11.66 11.32 -2.37
C LYS A 48 12.54 12.50 -1.97
N ILE A 49 12.46 13.55 -2.77
CA ILE A 49 13.23 14.77 -2.56
C ILE A 49 12.23 15.85 -2.16
N LEU A 50 12.30 16.31 -0.92
CA LEU A 50 11.36 17.34 -0.45
C LEU A 50 11.55 18.65 -1.21
N LYS A 51 10.44 19.16 -1.75
CA LYS A 51 10.45 20.42 -2.50
C LYS A 51 10.84 21.57 -1.59
N ASN A 52 11.50 22.58 -2.15
CA ASN A 52 11.89 23.78 -1.42
C ASN A 52 12.79 23.45 -0.20
N ASP A 56 8.55 23.37 5.18
CA ASP A 56 7.21 22.85 5.44
C ASP A 56 7.25 21.73 6.48
N PRO A 57 7.05 22.08 7.77
CA PRO A 57 7.07 21.16 8.91
C PRO A 57 6.27 19.85 8.76
N ALA A 58 5.12 19.90 8.08
CA ALA A 58 4.28 18.71 7.88
C ALA A 58 4.97 17.68 6.98
N LEU A 59 5.45 18.13 5.82
CA LEU A 59 6.15 17.25 4.88
C LEU A 59 7.35 16.55 5.49
N LYS A 60 8.11 17.31 6.28
CA LYS A 60 9.29 16.80 6.98
C LYS A 60 8.85 15.74 7.99
N ASP A 61 7.75 16.03 8.70
CA ASP A 61 7.13 15.09 9.65
C ASP A 61 6.60 13.84 8.95
N GLU A 62 5.98 14.05 7.79
CA GLU A 62 5.48 12.98 6.94
C GLU A 62 6.62 12.04 6.57
N LEU A 63 7.67 12.59 5.95
CA LEU A 63 8.89 11.85 5.59
C LEU A 63 9.47 11.20 6.84
N LEU A 64 9.46 11.93 7.95
CA LEU A 64 10.03 11.42 9.21
C LEU A 64 9.22 10.26 9.78
N ALA A 65 7.90 10.35 9.76
CA ALA A 65 7.07 9.25 10.26
C ALA A 65 7.22 8.01 9.38
N GLU A 66 7.19 8.19 8.06
CA GLU A 66 7.43 7.06 7.15
C GLU A 66 8.80 6.41 7.41
N ALA A 67 9.88 7.20 7.53
CA ALA A 67 11.21 6.65 7.79
C ALA A 67 11.23 5.93 9.14
N ASN A 68 10.63 6.56 10.17
CA ASN A 68 10.57 5.95 11.50
C ASN A 68 9.93 4.57 11.46
N VAL A 69 8.86 4.44 10.69
CA VAL A 69 8.18 3.17 10.52
C VAL A 69 9.00 2.16 9.70
N MET A 70 9.47 2.55 8.51
CA MET A 70 10.22 1.61 7.65
C MET A 70 11.42 0.98 8.31
N GLN A 71 12.10 1.78 9.12
CA GLN A 71 13.31 1.36 9.79
C GLN A 71 13.08 0.10 10.61
N GLN A 72 11.84 -0.08 11.07
CA GLN A 72 11.49 -1.16 11.95
C GLN A 72 10.91 -2.34 11.16
N LEU A 73 10.73 -2.19 9.85
CA LEU A 73 10.10 -3.23 9.05
C LEU A 73 11.11 -4.00 8.21
N ASP A 74 10.91 -5.30 8.10
CA ASP A 74 11.82 -6.16 7.38
C ASP A 74 11.06 -7.37 6.82
N ASN A 75 10.65 -7.28 5.55
CA ASN A 75 9.84 -8.32 4.91
C ASN A 75 9.98 -8.22 3.40
N PRO A 76 10.02 -9.36 2.69
CA PRO A 76 10.15 -9.39 1.23
C PRO A 76 9.08 -8.64 0.45
N TYR A 77 7.91 -8.43 1.03
CA TYR A 77 6.79 -7.81 0.32
C TYR A 77 6.47 -6.41 0.83
N ILE A 78 7.45 -5.78 1.47
CA ILE A 78 7.36 -4.40 1.87
C ILE A 78 8.58 -3.65 1.31
N VAL A 79 8.38 -2.50 0.68
CA VAL A 79 9.53 -1.74 0.16
C VAL A 79 10.55 -1.48 1.27
N ARG A 80 11.82 -1.69 0.96
CA ARG A 80 12.89 -1.52 1.95
C ARG A 80 13.47 -0.13 1.88
N MET A 81 13.71 0.47 3.04
CA MET A 81 14.35 1.78 3.14
C MET A 81 15.86 1.66 3.20
N ILE A 82 16.56 2.45 2.41
CA ILE A 82 18.02 2.47 2.47
C ILE A 82 18.40 3.46 3.58
N GLY A 83 17.81 4.64 3.54
CA GLY A 83 18.03 5.59 4.60
C GLY A 83 17.64 6.99 4.22
N ILE A 84 18.11 7.94 5.03
CA ILE A 84 17.87 9.36 4.84
C ILE A 84 19.19 10.03 4.49
N CYS A 85 19.13 11.03 3.61
CA CYS A 85 20.33 11.80 3.27
C CYS A 85 20.01 13.29 3.36
N GLU A 86 20.75 14.00 4.21
CA GLU A 86 20.57 15.44 4.36
C GLU A 86 21.60 16.16 3.53
N ALA A 87 21.18 16.77 2.43
CA ALA A 87 22.09 17.53 1.59
C ALA A 87 21.35 18.73 1.02
N GLU A 88 21.45 18.98 -0.30
CA GLU A 88 20.71 20.09 -0.91
C GLU A 88 19.23 20.05 -0.54
N SER A 89 18.73 18.84 -0.27
CA SER A 89 17.41 18.68 0.32
C SER A 89 17.37 17.48 1.24
N TRP A 90 16.21 17.25 1.86
CA TRP A 90 15.99 16.04 2.64
C TRP A 90 15.61 14.97 1.66
N MET A 91 16.22 13.79 1.81
CA MET A 91 15.98 12.68 0.89
C MET A 91 15.64 11.39 1.64
N LEU A 92 14.56 10.73 1.21
CA LEU A 92 14.20 9.42 1.71
C LEU A 92 14.53 8.47 0.57
N VAL A 93 15.44 7.54 0.83
CA VAL A 93 16.02 6.69 -0.18
C VAL A 93 15.60 5.26 0.06
N MET A 94 14.88 4.72 -0.91
CA MET A 94 14.32 3.36 -0.87
C MET A 94 14.94 2.54 -1.97
N GLU A 95 14.95 1.21 -1.80
CA GLU A 95 15.29 0.32 -2.88
C GLU A 95 14.26 0.50 -3.98
N MET A 96 14.70 0.51 -5.23
CA MET A 96 13.80 0.73 -6.37
C MET A 96 12.96 -0.49 -6.73
N ALA A 97 11.65 -0.27 -6.84
CA ALA A 97 10.72 -1.29 -7.36
C ALA A 97 10.48 -0.80 -8.78
N GLU A 98 11.23 -1.36 -9.74
CA GLU A 98 11.38 -0.77 -11.11
C GLU A 98 10.12 -0.54 -11.92
N LEU A 99 9.13 -1.41 -11.79
CA LEU A 99 7.91 -1.30 -12.60
C LEU A 99 6.84 -0.33 -12.08
N GLY A 100 7.02 0.17 -10.85
CA GLY A 100 6.14 1.22 -10.34
C GLY A 100 4.78 0.72 -9.86
N PRO A 101 3.87 1.67 -9.58
CA PRO A 101 2.56 1.38 -8.96
C PRO A 101 1.71 0.37 -9.71
N LEU A 102 1.10 -0.51 -8.93
CA LEU A 102 0.34 -1.61 -9.46
C LEU A 102 -0.84 -1.10 -10.30
N ASN A 103 -1.49 -0.02 -9.88
CA ASN A 103 -2.67 0.44 -10.65
C ASN A 103 -2.27 0.89 -12.04
N LYS A 104 -1.30 1.80 -12.14
CA LYS A 104 -0.84 2.31 -13.44
C LYS A 104 -0.35 1.19 -14.35
N TYR A 105 0.39 0.22 -13.81
CA TYR A 105 0.86 -0.93 -14.60
C TYR A 105 -0.30 -1.72 -15.21
N LEU A 106 -1.25 -2.16 -14.38
CA LEU A 106 -2.39 -2.93 -14.90
C LEU A 106 -3.22 -2.11 -15.88
N GLN A 107 -3.27 -0.79 -15.69
CA GLN A 107 -3.96 0.14 -16.60
C GLN A 107 -3.32 0.11 -17.99
N GLN A 108 -2.02 -0.16 -18.04
CA GLN A 108 -1.28 -0.19 -19.30
C GLN A 108 -1.05 -1.61 -19.80
N ASN A 109 -1.43 -2.62 -19.00
CA ASN A 109 -1.18 -4.03 -19.33
C ASN A 109 -2.34 -5.03 -19.08
N ARG A 110 -3.44 -4.88 -19.82
CA ARG A 110 -4.65 -5.72 -19.65
C ARG A 110 -4.49 -7.21 -20.02
N HIS A 111 -3.32 -7.60 -20.52
CA HIS A 111 -3.07 -9.01 -20.85
C HIS A 111 -2.67 -9.79 -19.65
N VAL A 112 -2.53 -9.10 -18.51
CA VAL A 112 -2.09 -9.78 -17.30
C VAL A 112 -3.19 -10.78 -16.97
N LYS A 113 -2.78 -12.01 -16.71
CA LYS A 113 -3.75 -13.06 -16.45
C LYS A 113 -4.25 -13.05 -15.02
N ASP A 114 -5.47 -13.57 -14.84
CA ASP A 114 -6.06 -13.71 -13.52
C ASP A 114 -5.08 -14.38 -12.54
N LYS A 115 -4.40 -15.45 -12.96
CA LYS A 115 -3.49 -16.14 -12.04
C LYS A 115 -2.30 -15.23 -11.65
N ASN A 116 -1.89 -14.33 -12.55
CA ASN A 116 -0.80 -13.39 -12.26
C ASN A 116 -1.27 -12.34 -11.22
N ILE A 117 -2.50 -11.84 -11.37
CA ILE A 117 -3.10 -10.92 -10.42
C ILE A 117 -3.24 -11.61 -9.06
N ILE A 118 -3.74 -12.84 -9.04
CA ILE A 118 -3.87 -13.57 -7.78
C ILE A 118 -2.53 -13.69 -7.05
N GLU A 119 -1.45 -13.87 -7.81
CA GLU A 119 -0.11 -14.04 -7.23
C GLU A 119 0.33 -12.76 -6.53
N LEU A 120 0.10 -11.64 -7.19
CA LEU A 120 0.50 -10.36 -6.68
C LEU A 120 -0.31 -9.99 -5.44
N VAL A 121 -1.60 -10.29 -5.44
CA VAL A 121 -2.43 -9.91 -4.29
C VAL A 121 -2.09 -10.80 -3.12
N HIS A 122 -1.81 -12.08 -3.35
CA HIS A 122 -1.37 -12.95 -2.27
C HIS A 122 -0.11 -12.39 -1.65
N GLN A 123 0.81 -11.92 -2.49
CA GLN A 123 2.03 -11.33 -1.99
C GLN A 123 1.76 -10.15 -1.05
N VAL A 124 0.87 -9.26 -1.46
CA VAL A 124 0.43 -8.16 -0.58
C VAL A 124 -0.13 -8.68 0.73
N SER A 125 -0.96 -9.71 0.66
CA SER A 125 -1.56 -10.29 1.85
C SER A 125 -0.51 -10.81 2.81
N MET A 126 0.61 -11.31 2.26
CA MET A 126 1.70 -11.86 3.08
C MET A 126 2.45 -10.71 3.78
N GLY A 127 2.65 -9.60 3.06
CA GLY A 127 3.23 -8.41 3.65
C GLY A 127 2.38 -7.81 4.74
N MET A 128 1.06 -7.83 4.54
CA MET A 128 0.12 -7.31 5.53
C MET A 128 -0.04 -8.20 6.76
N LYS A 129 0.02 -9.52 6.56
CA LYS A 129 0.03 -10.47 7.67
C LYS A 129 1.25 -10.20 8.56
N TYR A 130 2.41 -9.96 7.94
CA TYR A 130 3.59 -9.52 8.66
C TYR A 130 3.35 -8.18 9.37
N LEU A 131 2.83 -7.20 8.63
CA LEU A 131 2.52 -5.90 9.26
C LEU A 131 1.57 -6.07 10.47
N GLU A 132 0.54 -6.90 10.31
CA GLU A 132 -0.43 -7.18 11.38
C GLU A 132 0.26 -7.80 12.62
N GLU A 133 1.08 -8.81 12.38
CA GLU A 133 1.90 -9.46 13.45
C GLU A 133 2.83 -8.46 14.13
N SER A 134 3.36 -7.52 13.36
CA SER A 134 4.23 -6.48 13.88
C SER A 134 3.48 -5.34 14.58
N ASN A 135 2.15 -5.43 14.60
CA ASN A 135 1.29 -4.44 15.19
C ASN A 135 1.50 -3.04 14.64
N PHE A 136 1.50 -2.97 13.31
CA PHE A 136 1.49 -1.69 12.57
C PHE A 136 0.23 -1.72 11.70
N VAL A 137 -0.42 -0.56 11.58
CA VAL A 137 -1.53 -0.39 10.66
C VAL A 137 -1.03 0.54 9.53
N HIS A 138 -1.41 0.21 8.29
CA HIS A 138 -0.93 0.93 7.11
C HIS A 138 -1.75 2.21 6.90
N ARG A 139 -3.06 2.07 6.95
CA ARG A 139 -4.06 3.15 6.83
C ARG A 139 -4.16 3.81 5.45
N ASP A 140 -3.45 3.25 4.47
CA ASP A 140 -3.57 3.76 3.12
C ASP A 140 -3.31 2.68 2.13
N LEU A 141 -3.85 1.50 2.36
CA LEU A 141 -3.61 0.39 1.51
C LEU A 141 -4.51 0.50 0.28
N ALA A 142 -3.89 0.58 -0.87
CA ALA A 142 -4.60 0.79 -2.12
C ALA A 142 -3.65 0.35 -3.23
N ALA A 143 -4.20 0.06 -4.41
CA ALA A 143 -3.40 -0.40 -5.55
C ALA A 143 -2.32 0.59 -5.96
N ARG A 144 -2.55 1.89 -5.82
CA ARG A 144 -1.52 2.88 -6.10
C ARG A 144 -0.32 2.78 -5.16
N ASN A 145 -0.52 2.16 -4.00
CA ASN A 145 0.54 2.03 -3.00
C ASN A 145 1.18 0.65 -2.96
N VAL A 146 1.00 -0.12 -4.02
CA VAL A 146 1.70 -1.37 -4.19
C VAL A 146 2.61 -1.10 -5.37
N LEU A 147 3.89 -1.40 -5.19
CA LEU A 147 4.90 -1.28 -6.25
C LEU A 147 5.35 -2.64 -6.77
N LEU A 148 5.56 -2.71 -8.09
CA LEU A 148 6.05 -3.93 -8.71
C LEU A 148 7.57 -3.96 -8.91
N VAL A 149 8.20 -5.01 -8.40
CA VAL A 149 9.64 -5.23 -8.63
C VAL A 149 9.75 -5.81 -10.04
N THR A 150 8.99 -6.88 -10.28
CA THR A 150 8.81 -7.48 -11.59
C THR A 150 7.31 -7.75 -11.72
N GLN A 151 6.88 -8.20 -12.88
CA GLN A 151 5.48 -8.58 -13.11
C GLN A 151 4.98 -9.66 -12.13
N HIS A 152 5.89 -10.33 -11.44
CA HIS A 152 5.55 -11.39 -10.48
C HIS A 152 6.05 -11.14 -9.06
N TYR A 153 6.33 -9.88 -8.72
CA TYR A 153 6.84 -9.58 -7.38
C TYR A 153 6.35 -8.20 -6.97
N ALA A 154 5.42 -8.18 -6.01
CA ALA A 154 4.81 -6.95 -5.50
C ALA A 154 5.35 -6.58 -4.12
N LYS A 155 5.48 -5.27 -3.87
CA LYS A 155 5.80 -4.76 -2.54
C LYS A 155 4.88 -3.60 -2.13
N ILE A 156 4.47 -3.63 -0.87
CA ILE A 156 3.66 -2.57 -0.28
C ILE A 156 4.54 -1.35 0.02
N SER A 157 4.02 -0.18 -0.29
CA SER A 157 4.76 1.05 -0.13
C SER A 157 3.89 2.11 0.49
N ASP A 158 4.42 3.32 0.55
CA ASP A 158 3.70 4.48 1.01
C ASP A 158 3.15 4.36 2.44
N PHE A 159 4.08 4.37 3.39
CA PHE A 159 3.79 4.24 4.81
C PHE A 159 3.65 5.59 5.53
N GLY A 160 3.32 6.64 4.78
CA GLY A 160 3.14 7.95 5.39
C GLY A 160 2.00 8.06 6.40
N LEU A 161 0.94 7.25 6.25
CA LEU A 161 -0.22 7.28 7.16
C LEU A 161 -0.14 6.15 8.19
N SER A 162 0.96 5.43 8.19
CA SER A 162 1.05 4.22 8.99
C SER A 162 1.36 4.60 10.45
N LYS A 163 1.00 3.69 11.35
CA LYS A 163 1.11 3.87 12.78
C LYS A 163 1.51 2.55 13.45
N ALA A 164 2.47 2.61 14.35
CA ALA A 164 2.80 1.49 15.20
C ALA A 164 1.78 1.53 16.34
N LEU A 165 1.01 0.46 16.51
CA LEU A 165 0.00 0.40 17.57
C LEU A 165 0.72 0.29 18.92
N ARG A 166 0.17 0.94 19.94
CA ARG A 166 0.73 0.83 21.31
C ARG A 166 0.59 -0.60 21.81
N ALA A 167 1.47 -0.95 22.74
CA ALA A 167 1.48 -2.30 23.28
C ALA A 167 0.12 -2.70 23.93
N ASP A 168 -0.64 -1.72 24.43
CA ASP A 168 -1.95 -1.99 25.11
C ASP A 168 -3.21 -1.76 24.26
N GLU A 169 -3.05 -1.57 22.95
CA GLU A 169 -4.20 -1.23 22.10
C GLU A 169 -4.20 -2.01 20.79
N ASN A 170 -5.41 -2.21 20.28
CA ASN A 170 -5.67 -2.94 19.06
C ASN A 170 -5.92 -1.99 17.89
N TYR A 171 -6.10 -0.71 18.18
CA TYR A 171 -6.40 0.24 17.14
C TYR A 171 -5.82 1.62 17.43
N TYR A 172 -5.70 2.41 16.38
CA TYR A 172 -5.29 3.78 16.44
C TYR A 172 -6.54 4.65 16.26
N LYS A 173 -6.67 5.68 17.09
CA LYS A 173 -7.77 6.62 17.01
C LYS A 173 -7.21 7.87 16.32
N ALA A 174 -7.84 8.29 15.23
CA ALA A 174 -7.32 9.39 14.42
C ALA A 174 -7.62 10.75 15.07
N GLY A 178 -6.53 15.02 7.91
CA GLY A 178 -5.58 15.06 6.80
C GLY A 178 -6.07 14.27 5.61
N LYS A 179 -5.13 13.64 4.89
CA LYS A 179 -5.47 12.75 3.77
C LYS A 179 -6.50 11.71 4.26
N TRP A 180 -7.62 11.64 3.55
CA TRP A 180 -8.75 10.79 3.95
C TRP A 180 -9.28 10.02 2.75
N PRO A 181 -8.60 8.94 2.35
CA PRO A 181 -9.05 8.13 1.20
C PRO A 181 -10.25 7.25 1.58
N VAL A 182 -11.40 7.91 1.69
CA VAL A 182 -12.62 7.29 2.19
C VAL A 182 -13.10 6.07 1.41
N LYS A 183 -12.84 6.01 0.11
CA LYS A 183 -13.25 4.84 -0.68
C LYS A 183 -12.51 3.54 -0.32
N TRP A 184 -11.44 3.65 0.46
CA TRP A 184 -10.68 2.48 0.94
C TRP A 184 -10.90 2.19 2.41
N TYR A 185 -11.76 2.99 3.04
CA TYR A 185 -11.97 2.95 4.50
C TYR A 185 -13.16 2.12 4.97
N ALA A 186 -12.90 1.30 5.99
CA ALA A 186 -13.91 0.49 6.63
C ALA A 186 -14.89 1.39 7.37
N PRO A 187 -16.12 0.89 7.61
CA PRO A 187 -17.12 1.74 8.30
C PRO A 187 -16.68 2.21 9.68
N GLU A 188 -16.05 1.35 10.48
CA GLU A 188 -15.60 1.80 11.81
C GLU A 188 -14.61 3.00 11.70
N CYS A 189 -13.85 3.07 10.60
CA CYS A 189 -12.94 4.20 10.38
C CYS A 189 -13.72 5.49 10.17
N ILE A 190 -14.74 5.42 9.32
CA ILE A 190 -15.54 6.61 8.95
C ILE A 190 -16.39 7.05 10.14
N ASN A 191 -17.05 6.09 10.78
CA ASN A 191 -17.98 6.38 11.88
C ASN A 191 -17.32 6.64 13.23
N TYR A 192 -16.29 5.87 13.56
CA TYR A 192 -15.65 5.94 14.88
C TYR A 192 -14.16 6.30 14.88
N TYR A 193 -13.59 6.64 13.72
CA TYR A 193 -12.18 7.03 13.62
C TYR A 193 -11.19 5.97 14.15
N LYS A 194 -11.62 4.71 14.16
CA LYS A 194 -10.79 3.60 14.68
C LYS A 194 -10.12 2.86 13.52
N PHE A 195 -8.80 2.75 13.59
CA PHE A 195 -8.01 2.08 12.55
C PHE A 195 -7.27 0.93 13.15
N SER A 196 -7.50 -0.25 12.61
CA SER A 196 -6.87 -1.47 13.08
C SER A 196 -6.37 -2.28 11.90
N SER A 197 -5.80 -3.46 12.17
CA SER A 197 -5.43 -4.36 11.08
C SER A 197 -6.67 -4.82 10.32
N LYS A 198 -7.78 -5.00 11.03
CA LYS A 198 -9.06 -5.32 10.35
C LYS A 198 -9.50 -4.18 9.40
N SER A 199 -9.27 -2.94 9.76
CA SER A 199 -9.55 -1.84 8.80
C SER A 199 -8.65 -2.01 7.55
N ASP A 200 -7.40 -2.40 7.77
CA ASP A 200 -6.47 -2.63 6.64
C ASP A 200 -7.03 -3.78 5.78
N VAL A 201 -7.66 -4.77 6.40
CA VAL A 201 -8.33 -5.86 5.66
C VAL A 201 -9.43 -5.35 4.73
N TRP A 202 -10.27 -4.44 5.23
CA TRP A 202 -11.27 -3.77 4.36
C TRP A 202 -10.63 -3.16 3.11
N SER A 203 -9.59 -2.37 3.33
CA SER A 203 -8.82 -1.72 2.27
C SER A 203 -8.23 -2.71 1.32
N PHE A 204 -7.71 -3.82 1.85
CA PHE A 204 -7.20 -4.91 1.01
C PHE A 204 -8.27 -5.45 0.07
N GLY A 205 -9.52 -5.59 0.53
CA GLY A 205 -10.62 -5.96 -0.35
C GLY A 205 -10.82 -4.98 -1.51
N VAL A 206 -10.74 -3.69 -1.21
CA VAL A 206 -10.84 -2.66 -2.25
C VAL A 206 -9.65 -2.78 -3.22
N LEU A 207 -8.47 -3.02 -2.67
CA LEU A 207 -7.25 -3.24 -3.43
C LEU A 207 -7.41 -4.41 -4.40
N MET A 208 -7.93 -5.53 -3.91
CA MET A 208 -8.21 -6.66 -4.79
C MET A 208 -9.13 -6.26 -5.93
N TRP A 209 -10.22 -5.56 -5.60
CA TRP A 209 -11.15 -5.15 -6.62
C TRP A 209 -10.40 -4.37 -7.68
N GLU A 210 -9.60 -3.38 -7.26
CA GLU A 210 -8.76 -2.59 -8.16
C GLU A 210 -7.90 -3.41 -9.09
N ALA A 211 -7.20 -4.39 -8.50
CA ALA A 211 -6.29 -5.25 -9.23
C ALA A 211 -7.05 -6.02 -10.31
N PHE A 212 -8.20 -6.59 -9.97
CA PHE A 212 -8.98 -7.32 -10.95
C PHE A 212 -9.72 -6.40 -11.93
N SER A 213 -9.77 -5.10 -11.64
CA SER A 213 -10.36 -4.15 -12.56
C SER A 213 -9.25 -3.42 -13.35
N TYR A 214 -8.06 -4.01 -13.33
CA TYR A 214 -6.91 -3.50 -14.05
C TYR A 214 -6.65 -2.03 -13.77
N GLY A 215 -6.76 -1.65 -12.50
CA GLY A 215 -6.41 -0.29 -12.08
C GLY A 215 -7.46 0.76 -12.25
N GLN A 216 -8.71 0.33 -12.44
CA GLN A 216 -9.82 1.26 -12.52
C GLN A 216 -10.06 1.74 -11.09
N LYS A 217 -10.52 2.98 -10.95
CA LYS A 217 -10.79 3.51 -9.63
C LYS A 217 -12.07 2.88 -9.05
N PRO A 218 -12.06 2.59 -7.74
CA PRO A 218 -13.30 2.08 -7.14
C PRO A 218 -14.38 3.15 -6.96
N TYR A 219 -15.64 2.71 -6.88
CA TYR A 219 -16.80 3.57 -6.68
C TYR A 219 -16.80 4.79 -7.62
N ARG A 220 -16.55 4.57 -8.90
CA ARG A 220 -16.40 5.71 -9.78
C ARG A 220 -17.65 6.58 -9.81
N GLY A 221 -17.41 7.87 -9.97
CA GLY A 221 -18.49 8.86 -10.03
C GLY A 221 -19.19 9.15 -8.71
N MET A 222 -18.71 8.56 -7.60
CA MET A 222 -19.37 8.71 -6.33
C MET A 222 -18.52 9.55 -5.39
N LYS A 223 -19.21 10.40 -4.62
CA LYS A 223 -18.60 11.17 -3.55
C LYS A 223 -18.47 10.25 -2.35
N GLY A 224 -17.57 10.59 -1.44
CA GLY A 224 -17.34 9.80 -0.23
C GLY A 224 -18.61 9.51 0.55
N SER A 225 -19.43 10.53 0.78
CA SER A 225 -20.70 10.38 1.56
C SER A 225 -21.63 9.41 0.86
N GLU A 226 -21.57 9.39 -0.46
CA GLU A 226 -22.38 8.48 -1.27
C GLU A 226 -21.92 7.01 -1.11
N VAL A 227 -20.60 6.81 -1.08
CA VAL A 227 -20.04 5.48 -0.81
C VAL A 227 -20.45 4.99 0.58
N THR A 228 -20.31 5.85 1.58
CA THR A 228 -20.73 5.49 2.93
C THR A 228 -22.20 5.07 3.01
N ALA A 229 -23.05 5.80 2.30
CA ALA A 229 -24.49 5.48 2.24
C ALA A 229 -24.74 4.11 1.58
N MET A 230 -24.04 3.87 0.46
CA MET A 230 -24.13 2.64 -0.30
C MET A 230 -23.81 1.45 0.62
N LEU A 231 -22.68 1.53 1.32
CA LEU A 231 -22.19 0.44 2.18
C LEU A 231 -23.09 0.12 3.38
N GLU A 232 -23.62 1.16 3.99
CA GLU A 232 -24.57 0.99 5.07
C GLU A 232 -25.88 0.36 4.57
N LYS A 233 -26.28 0.70 3.35
CA LYS A 233 -27.41 0.01 2.74
C LYS A 233 -27.10 -1.48 2.52
N GLY A 234 -25.83 -1.88 2.66
CA GLY A 234 -25.45 -3.29 2.51
C GLY A 234 -24.99 -3.58 1.09
N GLU A 235 -24.86 -2.52 0.27
CA GLU A 235 -24.44 -2.69 -1.10
C GLU A 235 -22.94 -2.67 -1.20
N ARG A 236 -22.46 -3.39 -2.18
CA ARG A 236 -21.04 -3.54 -2.44
C ARG A 236 -20.78 -3.44 -3.92
N MET A 237 -19.56 -3.08 -4.26
CA MET A 237 -19.10 -3.12 -5.64
C MET A 237 -19.25 -4.52 -6.21
N GLY A 238 -19.55 -4.58 -7.50
CA GLY A 238 -19.73 -5.85 -8.22
C GLY A 238 -18.44 -6.51 -8.65
N CYS A 239 -18.58 -7.72 -9.17
CA CYS A 239 -17.45 -8.53 -9.59
C CYS A 239 -16.86 -7.94 -10.87
N PRO A 240 -15.54 -7.70 -10.89
CA PRO A 240 -14.96 -7.19 -12.13
C PRO A 240 -15.02 -8.23 -13.23
N ALA A 241 -15.04 -7.77 -14.48
CA ALA A 241 -15.09 -8.66 -15.63
C ALA A 241 -13.93 -9.63 -15.60
N GLY A 242 -14.24 -10.91 -15.66
CA GLY A 242 -13.21 -11.93 -15.67
C GLY A 242 -12.60 -12.24 -14.33
N CYS A 243 -13.08 -11.61 -13.25
CA CYS A 243 -12.56 -11.93 -11.93
C CYS A 243 -13.11 -13.27 -11.48
N PRO A 244 -12.24 -14.19 -11.03
CA PRO A 244 -12.76 -15.44 -10.49
C PRO A 244 -13.72 -15.17 -9.38
N ARG A 245 -14.76 -15.99 -9.27
CA ARG A 245 -15.76 -15.84 -8.24
C ARG A 245 -15.19 -16.00 -6.84
N GLU A 246 -14.30 -16.97 -6.64
CA GLU A 246 -13.69 -17.17 -5.33
C GLU A 246 -12.98 -15.91 -4.83
N MET A 247 -12.41 -15.15 -5.77
CA MET A 247 -11.71 -13.91 -5.42
C MET A 247 -12.70 -12.79 -5.11
N TYR A 248 -13.79 -12.70 -5.88
CA TYR A 248 -14.87 -11.80 -5.56
C TYR A 248 -15.47 -12.14 -4.18
N ASP A 249 -15.64 -13.42 -3.89
CA ASP A 249 -16.14 -13.81 -2.57
C ASP A 249 -15.20 -13.37 -1.46
N LEU A 250 -13.90 -13.31 -1.74
CA LEU A 250 -12.94 -12.90 -0.72
C LEU A 250 -13.03 -11.37 -0.53
N MET A 251 -13.22 -10.63 -1.61
CA MET A 251 -13.48 -9.18 -1.50
C MET A 251 -14.65 -8.99 -0.56
N ASN A 252 -15.75 -9.71 -0.78
CA ASN A 252 -16.93 -9.54 0.10
C ASN A 252 -16.65 -9.88 1.56
N LEU A 253 -15.79 -10.85 1.82
CA LEU A 253 -15.44 -11.17 3.18
C LEU A 253 -14.64 -10.04 3.85
N CYS A 254 -13.75 -9.45 3.06
CA CYS A 254 -12.95 -8.31 3.51
C CYS A 254 -13.87 -7.13 3.84
N TRP A 255 -14.94 -7.00 3.07
CA TRP A 255 -15.91 -5.94 3.32
C TRP A 255 -17.03 -6.36 4.28
N THR A 256 -16.70 -7.16 5.28
CA THR A 256 -17.63 -7.49 6.36
C THR A 256 -17.79 -6.22 7.18
N TYR A 257 -19.03 -5.79 7.34
CA TYR A 257 -19.37 -4.55 8.01
C TYR A 257 -18.88 -4.46 9.43
N ASP A 258 -19.25 -5.49 10.19
CA ASP A 258 -18.93 -5.60 11.61
C ASP A 258 -17.49 -6.04 11.73
N VAL A 259 -16.67 -5.17 12.30
CA VAL A 259 -15.23 -5.39 12.40
C VAL A 259 -14.92 -6.66 13.16
N GLU A 260 -15.68 -6.93 14.22
CA GLU A 260 -15.50 -8.12 15.05
C GLU A 260 -15.51 -9.37 14.21
N ASN A 261 -16.42 -9.44 13.25
CA ASN A 261 -16.59 -10.62 12.40
C ASN A 261 -15.81 -10.56 11.08
N ARG A 262 -15.12 -9.45 10.83
CA ARG A 262 -14.27 -9.33 9.63
C ARG A 262 -12.98 -10.18 9.87
N PRO A 263 -12.50 -10.93 8.86
CA PRO A 263 -11.28 -11.71 9.06
C PRO A 263 -10.03 -10.87 9.14
N GLY A 264 -9.02 -11.43 9.82
CA GLY A 264 -7.70 -10.82 9.96
C GLY A 264 -6.85 -11.21 8.77
N PHE A 265 -5.63 -10.70 8.69
CA PHE A 265 -4.81 -11.02 7.53
C PHE A 265 -4.35 -12.48 7.46
N ALA A 266 -4.27 -13.14 8.60
CA ALA A 266 -3.88 -14.55 8.60
C ALA A 266 -4.89 -15.37 7.78
N ALA A 267 -6.17 -15.18 8.05
CA ALA A 267 -7.21 -15.88 7.29
C ALA A 267 -7.28 -15.42 5.85
N VAL A 268 -7.04 -14.13 5.58
CA VAL A 268 -7.08 -13.65 4.19
C VAL A 268 -5.95 -14.28 3.39
N GLU A 269 -4.75 -14.25 3.98
CA GLU A 269 -3.55 -14.79 3.33
C GLU A 269 -3.68 -16.29 3.06
N LEU A 270 -4.21 -17.00 4.05
CA LEU A 270 -4.47 -18.44 3.90
C LEU A 270 -5.39 -18.67 2.70
N ARG A 271 -6.55 -18.03 2.73
CA ARG A 271 -7.53 -18.19 1.67
C ARG A 271 -6.91 -17.93 0.30
N LEU A 272 -6.09 -16.89 0.15
CA LEU A 272 -5.48 -16.60 -1.16
C LEU A 272 -4.47 -17.66 -1.61
N ARG A 273 -3.72 -18.15 -0.64
CA ARG A 273 -2.69 -19.15 -0.88
C ARG A 273 -3.31 -20.43 -1.46
N ASN A 274 -4.35 -20.92 -0.78
CA ASN A 274 -5.03 -22.15 -1.20
C ASN A 274 -5.63 -22.01 -2.59
N TYR A 275 -6.28 -20.88 -2.87
CA TYR A 275 -6.80 -20.71 -4.22
C TYR A 275 -5.66 -20.65 -5.23
N TYR A 276 -4.58 -19.94 -4.88
CA TYR A 276 -3.46 -19.83 -5.80
C TYR A 276 -2.83 -21.22 -6.05
N TYR A 277 -2.49 -21.92 -4.98
CA TYR A 277 -1.86 -23.24 -5.06
C TYR A 277 -2.90 -24.37 -4.99
N ASP A 278 -3.73 -24.46 -6.03
CA ASP A 278 -4.74 -25.52 -6.14
C ASP A 278 -5.48 -25.34 -7.46
O01 4DL B . 6.49 6.96 -4.08
C03 4DL B . 7.23 6.61 -5.23
C06 4DL B . 8.70 6.74 -4.96
N09 4DL B . 9.19 5.67 -4.08
C10 4DL B . 9.54 4.43 -4.61
C11 4DL B . 10.13 3.45 -3.82
C13 4DL B . 10.44 2.27 -4.46
N15 4DL B . 10.26 2.05 -5.78
C16 4DL B . 9.67 3.06 -6.44
N17 4DL B . 9.44 2.79 -7.74
C19 4DL B . 8.87 3.55 -8.77
C20 4DL B . 9.09 3.17 -10.08
C22 4DL B . 8.53 3.88 -11.12
C24 4DL B . 7.75 5.00 -10.89
C25 4DL B . 7.02 5.94 -11.82
N28 4DL B . 6.53 7.09 -11.05
S30 4DL B . 6.54 6.80 -9.42
O31 4DL B . 5.24 6.48 -8.94
O32 4DL B . 7.23 7.87 -8.77
C33 4DL B . 7.53 5.38 -9.59
C34 4DL B . 8.10 4.68 -8.53
N36 4DL B . 9.30 4.24 -5.91
C37 4DL B . 9.40 6.00 -2.71
C38 4DL B . 10.43 6.82 -2.26
C40 4DL B . 10.57 7.14 -0.92
C42 4DL B . 9.68 6.63 0.02
C44 4DL B . 8.66 5.81 -0.43
N45 4DL B . 7.65 5.20 0.24
N47 4DL B . 6.84 4.49 -0.60
C48 4DL B . 7.33 4.67 -1.80
C50 4DL B . 8.47 5.49 -1.78
S DMS C . 9.11 -13.11 -5.21
O DMS C . 10.13 -13.48 -4.22
C1 DMS C . 9.54 -13.67 -6.76
C2 DMS C . 7.71 -14.07 -4.97
#